data_4OIZ
#
_entry.id   4OIZ
#
_cell.length_a   123.510
_cell.length_b   80.860
_cell.length_c   100.940
_cell.angle_alpha   90.00
_cell.angle_beta   130.69
_cell.angle_gamma   90.00
#
_symmetry.space_group_name_H-M   'C 1 2 1'
#
loop_
_entity.id
_entity.type
_entity.pdbx_description
1 polymer 'LysM domain protein'
2 non-polymer 'methyl alpha-D-mannopyranoside'
#
_entity_poly.entity_id   1
_entity_poly.type   'polypeptide(L)'
_entity_poly.pdbx_seq_one_letter_code
;MGDTLTAGQKLERGGSLQSGNGAYTLTLQDDGNLVLYARDKAVWSTGTNGQDVVRAEVQTDGNFVLYTAEKPVWHTDTKG
KKEVKLVLQDDRNLVLYAKDGPAWSLEHHHHHH
;
_entity_poly.pdbx_strand_id   A,B,C,D,E
#
loop_
_chem_comp.id
_chem_comp.type
_chem_comp.name
_chem_comp.formula
MMA D-saccharide 'methyl alpha-D-mannopyranoside' 'C7 H14 O6'
#
# COMPACT_ATOMS: atom_id res chain seq x y z
N MET A 1 -18.15 -18.61 -13.72
CA MET A 1 -18.38 -17.13 -13.68
C MET A 1 -19.87 -16.80 -13.66
N GLY A 2 -20.36 -16.40 -12.49
CA GLY A 2 -21.78 -16.01 -12.32
C GLY A 2 -21.96 -14.52 -12.39
N ASP A 3 -23.12 -14.03 -11.96
CA ASP A 3 -23.44 -12.60 -12.04
C ASP A 3 -23.80 -11.97 -10.69
N THR A 4 -23.45 -12.63 -9.59
CA THR A 4 -23.86 -12.15 -8.27
C THR A 4 -22.80 -12.41 -7.20
N LEU A 5 -22.56 -11.41 -6.36
CA LEU A 5 -21.75 -11.55 -5.15
C LEU A 5 -22.64 -11.37 -3.93
N THR A 6 -22.71 -12.38 -3.08
CA THR A 6 -23.49 -12.31 -1.85
C THR A 6 -22.64 -11.74 -0.72
N ALA A 7 -23.32 -11.29 0.34
CA ALA A 7 -22.65 -10.69 1.49
C ALA A 7 -21.63 -11.64 2.11
N GLY A 8 -20.36 -11.38 1.83
CA GLY A 8 -19.26 -12.22 2.30
C GLY A 8 -18.32 -12.59 1.17
N GLN A 9 -18.86 -12.67 -0.04
CA GLN A 9 -18.05 -13.00 -1.22
C GLN A 9 -17.22 -11.82 -1.69
N LYS A 10 -16.10 -12.12 -2.34
CA LYS A 10 -15.16 -11.11 -2.81
C LYS A 10 -14.54 -11.49 -4.15
N LEU A 11 -14.30 -10.49 -4.98
CA LEU A 11 -13.53 -10.68 -6.21
C LEU A 11 -12.08 -10.40 -5.89
N GLU A 12 -11.20 -11.28 -6.36
CA GLU A 12 -9.77 -11.10 -6.19
C GLU A 12 -9.15 -10.72 -7.54
N ARG A 13 -7.83 -10.51 -7.56
CA ARG A 13 -7.15 -10.11 -8.79
C ARG A 13 -7.30 -11.17 -9.87
N GLY A 14 -7.83 -10.77 -11.02
CA GLY A 14 -8.15 -11.70 -12.10
C GLY A 14 -9.62 -12.11 -12.10
N GLY A 15 -10.18 -12.30 -10.91
CA GLY A 15 -11.58 -12.73 -10.75
C GLY A 15 -12.57 -11.68 -11.23
N SER A 16 -13.68 -12.15 -11.81
CA SER A 16 -14.64 -11.27 -12.46
C SER A 16 -16.09 -11.75 -12.37
N LEU A 17 -17.00 -10.91 -12.83
CA LEU A 17 -18.41 -11.24 -12.94
C LEU A 17 -18.83 -11.18 -14.41
N GLN A 18 -19.71 -12.10 -14.80
CA GLN A 18 -20.23 -12.16 -16.16
C GLN A 18 -21.74 -11.98 -16.07
N SER A 19 -22.34 -11.24 -17.00
CA SER A 19 -23.80 -11.10 -17.04
C SER A 19 -24.46 -12.38 -17.52
N GLY A 20 -25.79 -12.43 -17.43
CA GLY A 20 -26.54 -13.61 -17.86
C GLY A 20 -26.31 -13.97 -19.32
N ASN A 21 -26.53 -13.00 -20.20
CA ASN A 21 -26.34 -13.19 -21.64
C ASN A 21 -24.87 -13.32 -22.05
N GLY A 22 -23.96 -12.92 -21.16
CA GLY A 22 -22.53 -13.07 -21.39
C GLY A 22 -21.93 -11.92 -22.17
N ALA A 23 -22.65 -10.80 -22.25
CA ALA A 23 -22.18 -9.63 -22.98
C ALA A 23 -21.26 -8.77 -22.13
N TYR A 24 -21.58 -8.65 -20.84
CA TYR A 24 -20.86 -7.74 -19.95
C TYR A 24 -20.02 -8.49 -18.91
N THR A 25 -18.79 -8.00 -18.72
CA THR A 25 -17.84 -8.61 -17.79
C THR A 25 -17.23 -7.54 -16.87
N LEU A 26 -17.48 -7.67 -15.57
CA LEU A 26 -16.90 -6.77 -14.56
C LEU A 26 -15.70 -7.47 -13.92
N THR A 27 -14.49 -7.07 -14.30
CA THR A 27 -13.28 -7.82 -13.94
C THR A 27 -12.28 -6.99 -13.13
N LEU A 28 -11.88 -7.49 -11.97
CA LEU A 28 -10.87 -6.85 -11.12
C LEU A 28 -9.47 -7.23 -11.60
N GLN A 29 -8.80 -6.28 -12.24
CA GLN A 29 -7.54 -6.56 -12.93
C GLN A 29 -6.33 -6.42 -12.00
N ASP A 30 -5.18 -6.88 -12.49
CA ASP A 30 -3.94 -6.80 -11.72
C ASP A 30 -3.33 -5.40 -11.74
N ASP A 31 -3.80 -4.54 -12.64
CA ASP A 31 -3.41 -3.11 -12.63
C ASP A 31 -4.05 -2.35 -11.46
N GLY A 32 -5.05 -2.96 -10.82
CA GLY A 32 -5.70 -2.37 -9.65
C GLY A 32 -7.03 -1.73 -9.94
N ASN A 33 -7.49 -1.82 -11.18
CA ASN A 33 -8.74 -1.21 -11.60
C ASN A 33 -9.82 -2.26 -11.79
N LEU A 34 -11.01 -1.98 -11.26
CA LEU A 34 -12.18 -2.82 -11.47
C LEU A 34 -12.96 -2.25 -12.66
N VAL A 35 -12.78 -2.89 -13.83
CA VAL A 35 -13.34 -2.39 -15.09
C VAL A 35 -14.59 -3.17 -15.50
N LEU A 36 -15.49 -2.49 -16.21
CA LEU A 36 -16.66 -3.14 -16.81
C LEU A 36 -16.50 -3.09 -18.32
N TYR A 37 -16.53 -4.26 -18.96
CA TYR A 37 -16.30 -4.38 -20.40
C TYR A 37 -17.54 -4.80 -21.16
N ALA A 38 -17.87 -4.05 -22.21
CA ALA A 38 -18.92 -4.44 -23.15
C ALA A 38 -18.25 -4.88 -24.46
N ARG A 39 -18.01 -6.19 -24.59
CA ARG A 39 -17.40 -6.75 -25.79
C ARG A 39 -16.06 -6.11 -26.13
N ASP A 40 -15.10 -6.26 -25.23
CA ASP A 40 -13.73 -5.76 -25.42
C ASP A 40 -13.57 -4.24 -25.34
N LYS A 41 -14.59 -3.53 -24.88
CA LYS A 41 -14.57 -2.07 -24.78
C LYS A 41 -15.00 -1.63 -23.40
N ALA A 42 -14.07 -1.06 -22.64
CA ALA A 42 -14.33 -0.64 -21.26
C ALA A 42 -15.34 0.51 -21.22
N VAL A 43 -16.43 0.33 -20.47
CA VAL A 43 -17.47 1.36 -20.37
C VAL A 43 -17.54 2.04 -19.00
N TRP A 44 -16.92 1.45 -18.00
CA TRP A 44 -16.89 2.03 -16.65
C TRP A 44 -15.81 1.36 -15.83
N SER A 45 -15.25 2.10 -14.87
CA SER A 45 -14.27 1.54 -13.95
C SER A 45 -14.25 2.31 -12.64
N THR A 46 -13.61 1.75 -11.63
CA THR A 46 -13.48 2.41 -10.33
C THR A 46 -12.46 3.57 -10.38
N GLY A 47 -11.53 3.51 -11.34
CA GLY A 47 -10.49 4.52 -11.46
C GLY A 47 -9.43 4.36 -10.38
N THR A 48 -9.09 3.11 -10.10
CA THR A 48 -8.06 2.78 -9.11
C THR A 48 -6.88 2.09 -9.79
N ASN A 49 -6.73 2.32 -11.10
CA ASN A 49 -5.58 1.81 -11.84
C ASN A 49 -4.29 2.38 -11.29
N GLY A 50 -3.23 1.56 -11.28
CA GLY A 50 -1.96 1.95 -10.69
C GLY A 50 -2.02 1.98 -9.17
N GLN A 51 -2.88 1.15 -8.59
CA GLN A 51 -2.93 0.97 -7.13
C GLN A 51 -2.91 -0.52 -6.82
N ASP A 52 -2.38 -0.89 -5.66
CA ASP A 52 -2.25 -2.30 -5.28
C ASP A 52 -3.54 -2.82 -4.66
N VAL A 53 -4.58 -2.95 -5.48
CA VAL A 53 -5.87 -3.47 -5.03
C VAL A 53 -5.83 -4.99 -5.09
N VAL A 54 -6.10 -5.63 -3.96
CA VAL A 54 -6.04 -7.09 -3.86
C VAL A 54 -7.41 -7.76 -3.86
N ARG A 55 -8.41 -7.12 -3.23
CA ARG A 55 -9.74 -7.71 -3.14
C ARG A 55 -10.86 -6.67 -3.24
N ALA A 56 -12.00 -7.09 -3.79
CA ALA A 56 -13.18 -6.25 -3.90
C ALA A 56 -14.37 -7.00 -3.29
N GLU A 57 -14.70 -6.66 -2.04
CA GLU A 57 -15.57 -7.51 -1.21
C GLU A 57 -16.91 -6.87 -0.92
N VAL A 58 -17.98 -7.64 -1.10
CA VAL A 58 -19.31 -7.24 -0.62
C VAL A 58 -19.38 -7.65 0.85
N GLN A 59 -19.26 -6.67 1.73
CA GLN A 59 -19.22 -6.92 3.17
C GLN A 59 -20.62 -7.18 3.72
N THR A 60 -20.65 -7.62 4.98
CA THR A 60 -21.90 -7.86 5.68
C THR A 60 -22.58 -6.53 6.00
N ASP A 61 -21.84 -5.63 6.65
CA ASP A 61 -22.36 -4.31 7.07
C ASP A 61 -23.03 -3.51 5.94
N GLY A 62 -22.75 -3.89 4.70
CA GLY A 62 -23.58 -3.48 3.57
C GLY A 62 -22.91 -2.48 2.66
N ASN A 63 -21.70 -2.76 2.21
CA ASN A 63 -21.05 -1.94 1.20
C ASN A 63 -19.93 -2.67 0.45
N PHE A 64 -19.97 -2.56 -0.87
CA PHE A 64 -18.88 -3.00 -1.73
C PHE A 64 -17.69 -2.07 -1.54
N VAL A 65 -16.51 -2.65 -1.35
CA VAL A 65 -15.29 -1.88 -1.09
C VAL A 65 -14.08 -2.55 -1.72
N LEU A 66 -13.16 -1.76 -2.26
CA LEU A 66 -11.89 -2.26 -2.79
C LEU A 66 -10.74 -1.93 -1.83
N TYR A 67 -10.01 -2.95 -1.41
CA TYR A 67 -8.93 -2.78 -0.44
C TYR A 67 -7.56 -2.95 -1.07
N THR A 68 -6.62 -2.11 -0.64
CA THR A 68 -5.21 -2.32 -0.96
C THR A 68 -4.69 -3.41 -0.06
N ALA A 69 -3.66 -4.13 -0.51
CA ALA A 69 -3.00 -5.12 0.36
C ALA A 69 -2.18 -4.40 1.43
N GLU A 70 -1.68 -5.17 2.38
CA GLU A 70 -0.80 -4.63 3.42
C GLU A 70 0.54 -4.27 2.81
N LYS A 71 0.90 -2.98 2.86
CA LYS A 71 2.11 -2.49 2.18
C LYS A 71 3.33 -2.48 3.10
N PRO A 72 4.48 -2.98 2.61
CA PRO A 72 5.71 -2.98 3.39
C PRO A 72 6.37 -1.59 3.41
N VAL A 73 6.60 -1.06 4.60
CA VAL A 73 7.18 0.29 4.74
C VAL A 73 8.59 0.28 5.31
N TRP A 74 8.97 -0.80 5.97
CA TRP A 74 10.30 -0.92 6.55
C TRP A 74 10.67 -2.40 6.59
N HIS A 75 11.87 -2.73 6.11
CA HIS A 75 12.32 -4.10 6.13
C HIS A 75 13.83 -4.18 6.21
N THR A 76 14.31 -5.23 6.89
CA THR A 76 15.74 -5.45 7.03
C THR A 76 16.39 -6.00 5.76
N ASP A 77 15.57 -6.52 4.84
CA ASP A 77 16.02 -6.95 3.52
C ASP A 77 16.98 -8.14 3.58
N THR A 78 16.61 -9.15 4.37
CA THR A 78 17.39 -10.39 4.50
C THR A 78 16.58 -11.60 4.03
N LYS A 79 16.03 -11.49 2.82
CA LYS A 79 15.25 -12.58 2.24
C LYS A 79 16.10 -13.84 2.09
N GLY A 80 15.48 -14.99 2.30
CA GLY A 80 16.15 -16.27 2.09
C GLY A 80 17.08 -16.74 3.21
N LYS A 81 17.13 -16.00 4.30
CA LYS A 81 17.92 -16.43 5.46
C LYS A 81 17.18 -17.51 6.22
N LYS A 82 17.86 -18.63 6.46
CA LYS A 82 17.23 -19.81 7.04
C LYS A 82 17.08 -19.71 8.56
N GLU A 83 15.87 -20.01 9.05
CA GLU A 83 15.59 -20.12 10.48
C GLU A 83 15.99 -18.87 11.25
N VAL A 84 15.23 -17.79 11.04
CA VAL A 84 15.58 -16.49 11.61
C VAL A 84 14.87 -16.24 12.95
N LYS A 85 15.59 -15.61 13.88
CA LYS A 85 15.03 -15.21 15.17
C LYS A 85 15.53 -13.83 15.58
N LEU A 86 14.61 -12.93 15.88
CA LEU A 86 14.95 -11.58 16.35
C LEU A 86 15.07 -11.60 17.87
N VAL A 87 16.16 -11.05 18.40
CA VAL A 87 16.42 -11.05 19.84
C VAL A 87 16.84 -9.67 20.33
N LEU A 88 16.25 -9.23 21.44
CA LEU A 88 16.65 -7.99 22.11
C LEU A 88 17.52 -8.36 23.31
N GLN A 89 18.83 -8.14 23.18
CA GLN A 89 19.79 -8.60 24.18
C GLN A 89 20.05 -7.57 25.26
N ASP A 90 20.72 -8.00 26.33
CA ASP A 90 21.03 -7.13 27.46
C ASP A 90 22.12 -6.10 27.14
N ASP A 91 22.86 -6.30 26.05
CA ASP A 91 23.84 -5.32 25.59
C ASP A 91 23.23 -4.23 24.69
N ARG A 92 21.91 -4.04 24.80
CA ARG A 92 21.18 -3.03 24.01
C ARG A 92 21.36 -3.18 22.49
N ASN A 93 21.52 -4.41 22.02
CA ASN A 93 21.67 -4.68 20.59
C ASN A 93 20.55 -5.58 20.10
N LEU A 94 19.76 -5.07 19.16
CA LEU A 94 18.71 -5.85 18.51
C LEU A 94 19.33 -6.57 17.32
N VAL A 95 19.29 -7.90 17.37
CA VAL A 95 19.99 -8.74 16.41
C VAL A 95 19.03 -9.72 15.76
N LEU A 96 19.34 -10.13 14.53
CA LEU A 96 18.53 -11.10 13.80
C LEU A 96 19.42 -12.27 13.40
N TYR A 97 19.48 -13.27 14.28
CA TYR A 97 20.31 -14.46 14.04
C TYR A 97 19.70 -15.36 12.98
N ALA A 98 20.55 -16.15 12.33
CA ALA A 98 20.13 -17.08 11.28
C ALA A 98 20.78 -18.44 11.51
N LYS A 99 20.61 -19.36 10.56
CA LYS A 99 21.21 -20.68 10.63
C LYS A 99 22.74 -20.61 10.60
N ASP A 100 23.27 -19.68 9.79
CA ASP A 100 24.72 -19.47 9.67
C ASP A 100 25.28 -18.51 10.73
N GLY A 101 24.45 -17.58 11.19
CA GLY A 101 24.87 -16.58 12.18
C GLY A 101 24.12 -15.27 12.02
N PRO A 102 24.61 -14.19 12.67
CA PRO A 102 23.99 -12.87 12.60
C PRO A 102 23.75 -12.38 11.17
N ALA A 103 22.50 -12.12 10.83
CA ALA A 103 22.13 -11.61 9.51
C ALA A 103 21.97 -10.09 9.52
N TRP A 104 21.48 -9.55 10.63
CA TRP A 104 21.31 -8.11 10.78
C TRP A 104 21.37 -7.70 12.25
N SER A 105 22.05 -6.60 12.50
CA SER A 105 22.11 -6.00 13.83
C SER A 105 22.20 -4.50 13.66
N LEU A 106 21.51 -3.75 14.52
CA LEU A 106 21.60 -2.29 14.47
C LEU A 106 22.98 -1.85 14.96
N GLU A 107 23.51 -2.54 15.97
CA GLU A 107 24.86 -2.30 16.50
C GLU A 107 25.05 -0.86 16.96
N MET B 1 6.56 -9.27 27.17
CA MET B 1 7.36 -9.73 28.35
C MET B 1 8.50 -10.69 27.99
N GLY B 2 8.71 -10.97 26.70
CA GLY B 2 9.78 -11.87 26.25
C GLY B 2 10.85 -11.11 25.49
N ASP B 3 11.93 -11.82 25.13
CA ASP B 3 13.06 -11.20 24.44
C ASP B 3 13.34 -11.80 23.06
N THR B 4 12.43 -12.62 22.55
CA THR B 4 12.69 -13.38 21.31
C THR B 4 11.45 -13.50 20.41
N LEU B 5 11.65 -13.32 19.11
CA LEU B 5 10.62 -13.56 18.11
C LEU B 5 11.16 -14.56 17.09
N THR B 6 10.74 -15.82 17.19
CA THR B 6 11.20 -16.86 16.28
C THR B 6 10.50 -16.75 14.92
N ALA B 7 10.94 -17.56 13.96
CA ALA B 7 10.38 -17.57 12.61
C ALA B 7 8.86 -17.67 12.63
N GLY B 8 8.20 -16.78 11.87
CA GLY B 8 6.75 -16.73 11.79
C GLY B 8 6.12 -15.71 12.72
N GLN B 9 6.74 -15.47 13.87
CA GLN B 9 6.18 -14.56 14.87
C GLN B 9 6.15 -13.12 14.41
N LYS B 10 5.40 -12.30 15.14
CA LYS B 10 5.27 -10.88 14.84
C LYS B 10 4.98 -10.07 16.10
N LEU B 11 5.19 -8.76 16.01
CA LEU B 11 4.73 -7.83 17.04
C LEU B 11 3.50 -7.13 16.50
N GLU B 12 2.48 -7.02 17.35
CA GLU B 12 1.21 -6.41 16.96
C GLU B 12 1.04 -5.10 17.71
N ARG B 13 0.22 -4.22 17.16
CA ARG B 13 -0.01 -2.89 17.73
C ARG B 13 -0.04 -2.87 19.26
N GLY B 14 0.96 -2.21 19.85
CA GLY B 14 1.05 -2.06 21.30
C GLY B 14 1.97 -3.08 21.95
N GLY B 15 2.15 -4.23 21.29
CA GLY B 15 2.98 -5.29 21.81
C GLY B 15 4.43 -4.87 21.87
N SER B 16 5.20 -5.58 22.69
CA SER B 16 6.60 -5.20 22.91
C SER B 16 7.47 -6.37 23.35
N LEU B 17 8.77 -6.24 23.10
CA LEU B 17 9.76 -7.16 23.63
C LEU B 17 10.54 -6.49 24.77
N GLN B 18 11.06 -7.32 25.67
CA GLN B 18 11.77 -6.85 26.85
C GLN B 18 13.06 -7.65 26.97
N SER B 19 14.17 -6.96 27.21
CA SER B 19 15.47 -7.61 27.39
C SER B 19 15.52 -8.37 28.72
N GLY B 20 16.44 -9.32 28.82
CA GLY B 20 16.60 -10.12 30.03
C GLY B 20 16.79 -9.30 31.29
N ASN B 21 17.63 -8.27 31.20
CA ASN B 21 17.91 -7.37 32.32
C ASN B 21 16.78 -6.38 32.59
N GLY B 22 15.88 -6.21 31.63
CA GLY B 22 14.70 -5.36 31.81
C GLY B 22 14.97 -3.88 31.67
N ALA B 23 16.10 -3.53 31.05
CA ALA B 23 16.49 -2.14 30.84
C ALA B 23 15.97 -1.59 29.52
N TYR B 24 15.71 -2.48 28.56
CA TYR B 24 15.42 -2.09 27.19
C TYR B 24 14.12 -2.69 26.68
N THR B 25 13.36 -1.89 25.93
CA THR B 25 12.05 -2.30 25.44
C THR B 25 11.90 -1.93 23.95
N LEU B 26 11.63 -2.93 23.12
CA LEU B 26 11.27 -2.73 21.72
C LEU B 26 9.76 -2.84 21.62
N THR B 27 9.11 -1.80 21.11
CA THR B 27 7.65 -1.75 21.11
C THR B 27 7.08 -1.12 19.85
N LEU B 28 6.28 -1.88 19.11
CA LEU B 28 5.48 -1.33 18.03
C LEU B 28 4.33 -0.55 18.66
N GLN B 29 4.27 0.75 18.38
CA GLN B 29 3.30 1.64 19.00
C GLN B 29 2.05 1.81 18.13
N ASP B 30 1.03 2.43 18.70
CA ASP B 30 -0.22 2.68 17.99
C ASP B 30 -0.04 3.69 16.86
N ASP B 31 0.81 4.70 17.08
CA ASP B 31 1.08 5.72 16.07
C ASP B 31 1.85 5.18 14.86
N GLY B 32 2.46 4.01 15.01
CA GLY B 32 3.07 3.29 13.89
C GLY B 32 4.56 3.04 14.02
N ASN B 33 5.21 3.74 14.94
CA ASN B 33 6.66 3.64 15.06
C ASN B 33 7.10 2.43 15.87
N LEU B 34 8.05 1.67 15.32
CA LEU B 34 8.76 0.64 16.07
C LEU B 34 9.95 1.32 16.75
N VAL B 35 9.90 1.41 18.07
CA VAL B 35 10.89 2.18 18.81
C VAL B 35 11.53 1.33 19.91
N LEU B 36 12.83 1.52 20.12
CA LEU B 36 13.56 0.86 21.20
C LEU B 36 13.87 1.89 22.27
N TYR B 37 13.44 1.62 23.51
CA TYR B 37 13.62 2.57 24.61
C TYR B 37 14.66 2.10 25.62
N ALA B 38 15.35 3.07 26.22
CA ALA B 38 16.27 2.78 27.33
C ALA B 38 15.72 3.46 28.58
N ARG B 39 14.52 3.05 28.97
CA ARG B 39 13.81 3.61 30.12
C ARG B 39 13.58 5.11 29.95
N ASP B 40 12.59 5.44 29.10
CA ASP B 40 12.16 6.82 28.82
C ASP B 40 12.98 7.55 27.75
N LYS B 41 14.06 6.93 27.27
CA LYS B 41 14.91 7.53 26.25
C LYS B 41 14.87 6.67 25.00
N ALA B 42 14.36 7.24 23.91
CA ALA B 42 14.28 6.53 22.63
C ALA B 42 15.65 6.47 21.95
N VAL B 43 16.29 5.31 22.02
CA VAL B 43 17.63 5.13 21.45
C VAL B 43 17.61 4.75 19.98
N TRP B 44 16.51 4.18 19.50
CA TRP B 44 16.41 3.75 18.10
C TRP B 44 14.97 3.63 17.64
N SER B 45 14.70 4.12 16.43
CA SER B 45 13.36 4.07 15.85
C SER B 45 13.41 3.75 14.36
N THR B 46 12.30 3.23 13.84
CA THR B 46 12.15 2.94 12.42
C THR B 46 11.68 4.17 11.65
N GLY B 47 11.13 5.14 12.37
CA GLY B 47 10.58 6.35 11.75
C GLY B 47 9.26 6.11 11.04
N THR B 48 8.55 5.06 11.43
CA THR B 48 7.27 4.71 10.81
C THR B 48 6.07 5.28 11.56
N ASN B 49 6.31 6.23 12.46
CA ASN B 49 5.23 6.99 13.08
C ASN B 49 4.39 7.70 12.02
N GLY B 50 3.07 7.77 12.25
CA GLY B 50 2.15 8.41 11.31
C GLY B 50 1.52 7.44 10.33
N GLN B 51 2.21 6.36 10.01
CA GLN B 51 1.68 5.33 9.12
C GLN B 51 0.87 4.29 9.90
N ASP B 52 -0.04 3.62 9.21
CA ASP B 52 -0.97 2.66 9.82
C ASP B 52 -0.36 1.26 9.93
N VAL B 53 0.75 1.16 10.67
CA VAL B 53 1.47 -0.11 10.79
C VAL B 53 0.77 -1.02 11.77
N VAL B 54 0.31 -2.17 11.29
CA VAL B 54 -0.48 -3.10 12.10
C VAL B 54 0.34 -4.27 12.67
N ARG B 55 1.38 -4.68 11.95
CA ARG B 55 2.26 -5.75 12.44
C ARG B 55 3.71 -5.58 12.01
N ALA B 56 4.60 -6.20 12.77
CA ALA B 56 6.03 -6.22 12.48
C ALA B 56 6.52 -7.67 12.53
N GLU B 57 6.51 -8.33 11.38
CA GLU B 57 6.66 -9.79 11.33
C GLU B 57 8.07 -10.24 10.94
N VAL B 58 8.61 -11.16 11.75
CA VAL B 58 9.82 -11.91 11.40
C VAL B 58 9.35 -13.05 10.51
N GLN B 59 9.47 -12.86 9.20
CA GLN B 59 8.86 -13.78 8.23
C GLN B 59 9.58 -15.12 8.16
N THR B 60 8.90 -16.09 7.55
CA THR B 60 9.42 -17.44 7.38
C THR B 60 10.65 -17.48 6.46
N ASP B 61 10.63 -16.69 5.39
CA ASP B 61 11.72 -16.69 4.40
C ASP B 61 13.05 -16.16 4.97
N GLY B 62 12.98 -15.28 5.96
CA GLY B 62 14.18 -14.69 6.57
C GLY B 62 14.08 -13.19 6.84
N ASN B 63 13.20 -12.51 6.11
CA ASN B 63 13.13 -11.05 6.15
C ASN B 63 12.17 -10.52 7.23
N PHE B 64 12.71 -9.75 8.16
CA PHE B 64 11.92 -9.03 9.16
C PHE B 64 11.31 -7.76 8.55
N VAL B 65 9.97 -7.69 8.50
CA VAL B 65 9.26 -6.63 7.80
C VAL B 65 8.14 -5.99 8.64
N LEU B 66 7.93 -4.70 8.42
CA LEU B 66 6.80 -3.96 9.00
C LEU B 66 5.79 -3.65 7.90
N TYR B 67 4.51 -3.92 8.17
CA TYR B 67 3.45 -3.76 7.18
C TYR B 67 2.36 -2.78 7.65
N THR B 68 1.99 -1.87 6.75
CA THR B 68 0.82 -1.02 6.97
C THR B 68 -0.42 -1.79 6.56
N ALA B 69 -1.49 -1.67 7.35
CA ALA B 69 -2.71 -2.45 7.12
C ALA B 69 -3.37 -2.20 5.77
N GLU B 70 -4.35 -3.04 5.45
CA GLU B 70 -5.11 -2.89 4.21
C GLU B 70 -6.03 -1.68 4.28
N LYS B 71 -5.90 -0.78 3.30
CA LYS B 71 -6.66 0.47 3.28
C LYS B 71 -7.71 0.48 2.16
N PRO B 72 -8.97 0.83 2.49
CA PRO B 72 -9.97 0.96 1.44
C PRO B 72 -9.74 2.24 0.63
N VAL B 73 -9.84 2.13 -0.69
CA VAL B 73 -9.58 3.25 -1.58
C VAL B 73 -10.81 3.64 -2.42
N TRP B 74 -11.65 2.66 -2.71
CA TRP B 74 -12.90 2.88 -3.41
C TRP B 74 -13.98 2.13 -2.65
N HIS B 75 -15.11 2.77 -2.40
CA HIS B 75 -16.24 2.11 -1.78
C HIS B 75 -17.54 2.68 -2.30
N THR B 76 -18.62 1.94 -2.10
CA THR B 76 -19.93 2.33 -2.60
C THR B 76 -20.65 3.27 -1.63
N ASP B 77 -20.30 3.17 -0.34
CA ASP B 77 -20.88 4.01 0.72
C ASP B 77 -22.36 3.72 0.91
N THR B 78 -22.65 2.53 1.42
CA THR B 78 -24.01 2.12 1.77
C THR B 78 -24.05 1.36 3.11
N LYS B 79 -23.04 1.54 3.95
CA LYS B 79 -22.97 0.83 5.22
C LYS B 79 -24.23 1.10 6.05
N GLY B 80 -24.77 0.04 6.63
CA GLY B 80 -26.04 0.11 7.36
C GLY B 80 -27.18 -0.55 6.61
N LYS B 81 -26.92 -0.93 5.37
CA LYS B 81 -27.90 -1.63 4.54
C LYS B 81 -27.82 -3.14 4.80
N LYS B 82 -28.98 -3.76 5.00
CA LYS B 82 -29.06 -5.17 5.40
C LYS B 82 -29.28 -6.09 4.20
N GLU B 83 -28.64 -7.27 4.25
CA GLU B 83 -28.74 -8.29 3.20
C GLU B 83 -28.47 -7.73 1.81
N VAL B 84 -27.19 -7.61 1.46
CA VAL B 84 -26.77 -6.97 0.21
C VAL B 84 -26.13 -7.95 -0.78
N LYS B 85 -26.36 -7.69 -2.07
CA LYS B 85 -25.72 -8.47 -3.13
C LYS B 85 -25.48 -7.62 -4.38
N LEU B 86 -24.27 -7.73 -4.93
CA LEU B 86 -23.92 -7.02 -6.15
C LEU B 86 -24.29 -7.88 -7.35
N VAL B 87 -24.91 -7.28 -8.36
CA VAL B 87 -25.40 -8.02 -9.53
C VAL B 87 -25.16 -7.27 -10.83
N LEU B 88 -24.44 -7.92 -11.74
CA LEU B 88 -24.21 -7.38 -13.09
C LEU B 88 -25.26 -7.93 -14.05
N GLN B 89 -26.15 -7.05 -14.51
CA GLN B 89 -27.36 -7.44 -15.23
C GLN B 89 -27.19 -7.40 -16.76
N ASP B 90 -28.19 -7.91 -17.48
CA ASP B 90 -28.19 -7.89 -18.96
C ASP B 90 -28.54 -6.52 -19.53
N ASP B 91 -29.16 -5.66 -18.73
CA ASP B 91 -29.37 -4.26 -19.14
C ASP B 91 -28.08 -3.44 -18.95
N ARG B 92 -27.01 -4.10 -18.51
CA ARG B 92 -25.68 -3.51 -18.30
C ARG B 92 -25.50 -2.81 -16.95
N ASN B 93 -26.61 -2.49 -16.27
CA ASN B 93 -26.53 -1.81 -14.98
C ASN B 93 -26.00 -2.76 -13.91
N LEU B 94 -25.01 -2.29 -13.16
CA LEU B 94 -24.50 -3.00 -12.00
C LEU B 94 -25.22 -2.43 -10.79
N VAL B 95 -25.85 -3.29 -10.01
CA VAL B 95 -26.68 -2.84 -8.89
C VAL B 95 -26.31 -3.58 -7.62
N LEU B 96 -26.31 -2.87 -6.50
CA LEU B 96 -26.16 -3.48 -5.19
C LEU B 96 -27.52 -3.48 -4.51
N TYR B 97 -28.23 -4.61 -4.60
CA TYR B 97 -29.56 -4.73 -4.03
C TYR B 97 -29.49 -4.99 -2.53
N ALA B 98 -30.28 -4.23 -1.77
CA ALA B 98 -30.43 -4.43 -0.33
C ALA B 98 -31.80 -5.04 -0.05
N LYS B 99 -32.04 -5.36 1.22
CA LYS B 99 -33.31 -5.93 1.66
C LYS B 99 -34.52 -5.04 1.35
N ASP B 100 -34.30 -3.73 1.28
CA ASP B 100 -35.36 -2.76 1.00
C ASP B 100 -35.33 -2.22 -0.44
N GLY B 101 -34.57 -2.87 -1.31
CA GLY B 101 -34.48 -2.45 -2.72
C GLY B 101 -33.07 -2.10 -3.13
N PRO B 102 -32.91 -1.41 -4.27
CA PRO B 102 -31.58 -1.04 -4.76
C PRO B 102 -30.94 0.07 -3.93
N ALA B 103 -29.80 -0.23 -3.34
CA ALA B 103 -29.07 0.73 -2.52
C ALA B 103 -28.10 1.57 -3.36
N TRP B 104 -27.54 0.97 -4.41
CA TRP B 104 -26.59 1.67 -5.27
C TRP B 104 -26.65 1.11 -6.69
N SER B 105 -26.49 1.99 -7.68
CA SER B 105 -26.57 1.60 -9.08
C SER B 105 -25.87 2.62 -9.98
N LEU B 106 -26.12 2.51 -11.28
CA LEU B 106 -25.65 3.49 -12.26
C LEU B 106 -26.82 3.97 -13.12
N GLU B 107 -27.43 5.08 -12.69
CA GLU B 107 -28.58 5.68 -13.39
C GLU B 107 -28.84 7.10 -12.88
N MET C 1 -12.45 27.14 -6.84
CA MET C 1 -13.25 27.92 -7.84
C MET C 1 -12.58 27.93 -9.21
N GLY C 2 -11.26 28.05 -9.23
CA GLY C 2 -10.50 28.04 -10.47
C GLY C 2 -10.50 26.68 -11.15
N ASP C 3 -10.25 26.68 -12.45
CA ASP C 3 -10.25 25.45 -13.26
C ASP C 3 -8.84 25.08 -13.74
N THR C 4 -7.84 25.86 -13.35
CA THR C 4 -6.48 25.69 -13.85
C THR C 4 -5.42 26.00 -12.80
N LEU C 5 -4.36 25.19 -12.77
CA LEU C 5 -3.20 25.43 -11.91
C LEU C 5 -1.94 25.51 -12.76
N THR C 6 -1.47 26.72 -13.03
CA THR C 6 -0.24 26.91 -13.82
C THR C 6 0.99 26.45 -13.04
N ALA C 7 2.13 26.41 -13.73
CA ALA C 7 3.40 26.00 -13.11
C ALA C 7 3.66 26.77 -11.82
N GLY C 8 4.04 26.05 -10.78
CA GLY C 8 4.32 26.65 -9.46
C GLY C 8 3.16 26.57 -8.49
N GLN C 9 1.93 26.55 -9.00
CA GLN C 9 0.73 26.50 -8.16
C GLN C 9 0.57 25.15 -7.47
N LYS C 10 -0.24 25.14 -6.42
CA LYS C 10 -0.39 23.95 -5.57
C LYS C 10 -1.69 23.98 -4.78
N LEU C 11 -2.29 22.81 -4.59
CA LEU C 11 -3.48 22.65 -3.76
C LEU C 11 -3.09 22.25 -2.35
N GLU C 12 -3.52 23.03 -1.35
CA GLU C 12 -3.30 22.69 0.06
C GLU C 12 -4.54 22.01 0.64
N ARG C 13 -4.35 21.32 1.77
CA ARG C 13 -5.42 20.57 2.42
C ARG C 13 -6.69 21.41 2.57
N GLY C 14 -7.80 20.91 2.05
CA GLY C 14 -9.07 21.63 2.05
C GLY C 14 -9.37 22.24 0.69
N GLY C 15 -8.34 22.72 0.01
CA GLY C 15 -8.50 23.38 -1.29
C GLY C 15 -9.05 22.48 -2.38
N SER C 16 -9.66 23.08 -3.39
CA SER C 16 -10.31 22.32 -4.45
C SER C 16 -10.45 23.11 -5.75
N LEU C 17 -10.23 22.42 -6.87
CA LEU C 17 -10.46 22.99 -8.21
C LEU C 17 -11.88 22.67 -8.68
N GLN C 18 -12.41 23.54 -9.54
CA GLN C 18 -13.77 23.41 -10.08
C GLN C 18 -13.74 23.61 -11.60
N SER C 19 -14.51 22.80 -12.32
CA SER C 19 -14.59 22.91 -13.78
C SER C 19 -15.41 24.12 -14.20
N GLY C 20 -15.45 24.38 -15.51
CA GLY C 20 -16.22 25.50 -16.06
C GLY C 20 -17.73 25.35 -15.87
N ASN C 21 -18.22 24.12 -15.98
CA ASN C 21 -19.66 23.83 -15.83
C ASN C 21 -20.11 23.67 -14.37
N GLY C 22 -19.16 23.59 -13.45
CA GLY C 22 -19.46 23.55 -12.01
C GLY C 22 -19.93 22.20 -11.51
N ALA C 23 -19.72 21.14 -12.30
CA ALA C 23 -20.16 19.79 -11.95
C ALA C 23 -19.06 18.98 -11.27
N TYR C 24 -17.85 19.07 -11.80
CA TYR C 24 -16.73 18.26 -11.33
C TYR C 24 -15.82 19.06 -10.39
N THR C 25 -15.46 18.43 -9.27
CA THR C 25 -14.63 19.06 -8.25
C THR C 25 -13.46 18.17 -7.89
N LEU C 26 -12.24 18.67 -8.13
CA LEU C 26 -11.03 18.00 -7.68
C LEU C 26 -10.61 18.66 -6.37
N THR C 27 -10.60 17.89 -5.29
CA THR C 27 -10.38 18.43 -3.95
C THR C 27 -9.41 17.60 -3.11
N LEU C 28 -8.31 18.21 -2.68
CA LEU C 28 -7.37 17.58 -1.76
C LEU C 28 -7.98 17.62 -0.36
N GLN C 29 -8.38 16.46 0.13
CA GLN C 29 -9.09 16.38 1.41
C GLN C 29 -8.13 16.37 2.59
N ASP C 30 -8.69 16.49 3.79
CA ASP C 30 -7.90 16.44 5.02
C ASP C 30 -7.39 15.03 5.32
N ASP C 31 -8.09 14.02 4.81
CA ASP C 31 -7.65 12.62 4.96
C ASP C 31 -6.48 12.25 4.03
N GLY C 32 -6.12 13.16 3.12
CA GLY C 32 -4.92 13.02 2.30
C GLY C 32 -5.17 12.65 0.86
N ASN C 33 -6.39 12.24 0.55
CA ASN C 33 -6.72 11.75 -0.79
C ASN C 33 -7.11 12.89 -1.72
N LEU C 34 -6.51 12.92 -2.90
CA LEU C 34 -6.95 13.82 -3.96
C LEU C 34 -8.04 13.09 -4.75
N VAL C 35 -9.26 13.61 -4.67
CA VAL C 35 -10.43 12.91 -5.19
C VAL C 35 -11.17 13.76 -6.21
N LEU C 36 -11.57 13.14 -7.32
CA LEU C 36 -12.39 13.79 -8.34
C LEU C 36 -13.83 13.36 -8.12
N TYR C 37 -14.68 14.30 -7.69
CA TYR C 37 -16.09 14.01 -7.44
C TYR C 37 -16.95 14.40 -8.63
N ALA C 38 -18.06 13.69 -8.81
CA ALA C 38 -19.03 13.99 -9.86
C ALA C 38 -20.42 14.05 -9.25
N ARG C 39 -20.72 15.17 -8.59
CA ARG C 39 -22.04 15.40 -8.00
C ARG C 39 -22.39 14.41 -6.90
N ASP C 40 -21.51 14.30 -5.92
CA ASP C 40 -21.71 13.39 -4.78
C ASP C 40 -20.91 12.11 -4.90
N LYS C 41 -20.97 11.47 -6.06
CA LYS C 41 -20.26 10.23 -6.32
C LYS C 41 -18.83 10.49 -6.79
N ALA C 42 -17.88 9.69 -6.30
CA ALA C 42 -16.47 9.82 -6.67
C ALA C 42 -16.14 8.97 -7.88
N VAL C 43 -15.37 9.53 -8.82
CA VAL C 43 -15.03 8.85 -10.07
C VAL C 43 -13.56 8.42 -10.15
N TRP C 44 -12.65 9.21 -9.57
CA TRP C 44 -11.23 8.90 -9.60
C TRP C 44 -10.50 9.52 -8.42
N SER C 45 -9.52 8.78 -7.89
CA SER C 45 -8.71 9.23 -6.77
C SER C 45 -7.24 8.86 -6.97
N THR C 46 -6.39 9.42 -6.11
CA THR C 46 -4.98 9.04 -6.07
C THR C 46 -4.74 7.86 -5.14
N GLY C 47 -5.69 7.62 -4.23
CA GLY C 47 -5.55 6.56 -3.23
C GLY C 47 -4.54 6.92 -2.16
N THR C 48 -4.38 8.21 -1.91
CA THR C 48 -3.43 8.70 -0.92
C THR C 48 -4.10 8.98 0.44
N ASN C 49 -5.31 8.46 0.64
CA ASN C 49 -6.01 8.62 1.92
C ASN C 49 -5.23 8.00 3.08
N GLY C 50 -5.35 8.60 4.25
CA GLY C 50 -4.65 8.13 5.44
C GLY C 50 -3.29 8.80 5.63
N GLN C 51 -2.53 8.93 4.55
CA GLN C 51 -1.22 9.57 4.61
C GLN C 51 -1.34 11.07 4.83
N ASP C 52 -0.37 11.64 5.54
CA ASP C 52 -0.36 13.06 5.88
C ASP C 52 0.07 13.91 4.69
N VAL C 53 -0.84 14.09 3.73
CA VAL C 53 -0.56 14.86 2.51
C VAL C 53 -0.94 16.33 2.71
N VAL C 54 0.03 17.23 2.59
CA VAL C 54 -0.18 18.65 2.86
C VAL C 54 -0.36 19.51 1.60
N ARG C 55 0.24 19.09 0.48
CA ARG C 55 0.08 19.82 -0.78
C ARG C 55 0.20 18.93 -2.01
N ALA C 56 -0.39 19.41 -3.10
CA ALA C 56 -0.27 18.78 -4.41
C ALA C 56 0.18 19.85 -5.42
N GLU C 57 1.46 19.87 -5.74
CA GLU C 57 2.06 20.98 -6.47
C GLU C 57 2.33 20.67 -7.93
N VAL C 58 1.82 21.54 -8.81
CA VAL C 58 2.17 21.50 -10.23
C VAL C 58 3.54 22.16 -10.35
N GLN C 59 4.58 21.33 -10.33
CA GLN C 59 5.95 21.84 -10.19
C GLN C 59 6.48 22.54 -11.44
N THR C 60 7.57 23.26 -11.24
CA THR C 60 8.23 24.00 -12.32
C THR C 60 8.86 23.07 -13.37
N ASP C 61 9.44 21.96 -12.91
CA ASP C 61 10.07 20.99 -13.82
C ASP C 61 9.09 20.25 -14.74
N GLY C 62 7.80 20.29 -14.39
CA GLY C 62 6.74 19.68 -15.20
C GLY C 62 5.92 18.67 -14.42
N ASN C 63 6.58 18.01 -13.46
CA ASN C 63 5.98 16.91 -12.73
C ASN C 63 5.02 17.36 -11.62
N PHE C 64 3.73 17.11 -11.85
CA PHE C 64 2.69 17.29 -10.81
C PHE C 64 2.78 16.19 -9.75
N VAL C 65 3.01 16.58 -8.50
CA VAL C 65 3.29 15.62 -7.41
C VAL C 65 2.49 15.93 -6.14
N LEU C 66 2.18 14.87 -5.38
CA LEU C 66 1.64 15.01 -4.03
C LEU C 66 2.74 14.71 -3.02
N TYR C 67 2.86 15.56 -2.00
CA TYR C 67 3.89 15.41 -0.97
C TYR C 67 3.28 15.28 0.42
N THR C 68 3.91 14.46 1.26
CA THR C 68 3.54 14.39 2.67
C THR C 68 4.42 15.32 3.48
N ALA C 69 3.82 16.02 4.43
CA ALA C 69 4.53 17.02 5.24
C ALA C 69 5.70 16.42 6.03
N GLU C 70 6.63 17.28 6.43
CA GLU C 70 7.82 16.85 7.17
C GLU C 70 7.44 16.33 8.55
N LYS C 71 7.73 15.04 8.77
CA LYS C 71 7.37 14.36 10.01
C LYS C 71 8.50 14.44 11.03
N PRO C 72 8.18 14.81 12.29
CA PRO C 72 9.19 14.78 13.34
C PRO C 72 9.48 13.35 13.80
N VAL C 73 10.72 12.88 13.59
CA VAL C 73 11.07 11.50 13.93
C VAL C 73 11.76 11.37 15.30
N TRP C 74 12.54 12.40 15.68
CA TRP C 74 13.21 12.44 16.96
C TRP C 74 13.07 13.84 17.56
N HIS C 75 12.54 13.91 18.77
CA HIS C 75 12.45 15.19 19.50
C HIS C 75 12.90 14.98 20.94
N THR C 76 13.26 16.07 21.59
CA THR C 76 13.73 16.02 22.96
C THR C 76 12.60 16.25 23.97
N ASP C 77 11.44 16.66 23.47
CA ASP C 77 10.23 16.85 24.28
C ASP C 77 10.46 17.91 25.35
N THR C 78 10.55 19.16 24.91
CA THR C 78 10.72 20.30 25.80
C THR C 78 9.86 21.51 25.37
N LYS C 79 8.82 21.27 24.58
CA LYS C 79 7.94 22.36 24.12
C LYS C 79 7.31 23.05 25.34
N GLY C 80 7.32 24.38 25.33
CA GLY C 80 6.83 25.17 26.45
C GLY C 80 7.93 25.90 27.20
N LYS C 81 9.18 25.51 26.96
CA LYS C 81 10.33 26.18 27.55
C LYS C 81 10.69 27.42 26.72
N LYS C 82 10.79 28.57 27.39
CA LYS C 82 11.01 29.85 26.70
C LYS C 82 12.50 30.09 26.45
N GLU C 83 12.80 30.83 25.39
CA GLU C 83 14.17 31.28 25.07
C GLU C 83 15.18 30.15 25.19
N VAL C 84 15.18 29.25 24.22
CA VAL C 84 15.98 28.03 24.31
C VAL C 84 17.26 28.13 23.48
N LYS C 85 18.26 27.33 23.88
CA LYS C 85 19.54 27.27 23.17
C LYS C 85 20.27 25.96 23.45
N LEU C 86 20.67 25.27 22.38
CA LEU C 86 21.44 24.03 22.49
C LEU C 86 22.92 24.37 22.55
N VAL C 87 23.64 23.78 23.50
CA VAL C 87 25.06 24.11 23.72
C VAL C 87 25.93 22.86 23.87
N LEU C 88 26.94 22.74 23.00
CA LEU C 88 27.92 21.66 23.10
C LEU C 88 29.10 22.12 23.94
N GLN C 89 29.22 21.58 25.15
CA GLN C 89 30.18 22.07 26.14
C GLN C 89 31.51 21.29 26.09
N ASP C 90 32.45 21.68 26.95
CA ASP C 90 33.75 21.03 27.03
C ASP C 90 33.79 19.85 28.01
N ASP C 91 32.70 19.61 28.73
CA ASP C 91 32.57 18.41 29.56
C ASP C 91 31.82 17.29 28.84
N ARG C 92 31.69 17.42 27.52
CA ARG C 92 31.04 16.42 26.65
C ARG C 92 29.57 16.17 27.00
N ASN C 93 28.89 17.20 27.48
CA ASN C 93 27.47 17.12 27.78
C ASN C 93 26.71 18.09 26.89
N LEU C 94 25.81 17.57 26.06
CA LEU C 94 24.94 18.41 25.24
C LEU C 94 23.76 18.83 26.10
N VAL C 95 23.55 20.13 26.20
CA VAL C 95 22.47 20.68 27.03
C VAL C 95 21.58 21.57 26.17
N LEU C 96 20.29 21.61 26.52
CA LEU C 96 19.36 22.55 25.92
C LEU C 96 18.94 23.55 27.00
N TYR C 97 19.65 24.67 27.06
CA TYR C 97 19.39 25.69 28.08
C TYR C 97 18.16 26.51 27.74
N ALA C 98 17.63 27.20 28.75
CA ALA C 98 16.39 27.96 28.61
C ALA C 98 16.40 29.20 29.50
N LYS C 99 15.29 29.93 29.46
CA LYS C 99 15.10 31.12 30.29
C LYS C 99 15.20 30.82 31.79
N ASP C 100 14.68 29.67 32.20
CA ASP C 100 14.64 29.28 33.62
C ASP C 100 15.71 28.26 34.02
N GLY C 101 16.73 28.09 33.17
CA GLY C 101 17.79 27.12 33.44
C GLY C 101 17.79 25.98 32.43
N PRO C 102 18.42 24.84 32.78
CA PRO C 102 18.50 23.71 31.85
C PRO C 102 17.17 23.00 31.67
N ALA C 103 16.86 22.61 30.44
CA ALA C 103 15.64 21.87 30.13
C ALA C 103 15.95 20.39 29.94
N TRP C 104 16.85 20.11 29.00
CA TRP C 104 17.26 18.76 28.69
C TRP C 104 18.77 18.67 28.70
N SER C 105 19.30 17.57 29.24
CA SER C 105 20.72 17.29 29.17
C SER C 105 20.93 15.86 28.73
N LEU C 106 22.08 15.60 28.11
CA LEU C 106 22.45 14.28 27.66
C LEU C 106 22.77 13.34 28.84
N GLU C 107 23.07 13.91 30.01
CA GLU C 107 23.28 13.16 31.25
C GLU C 107 22.43 13.73 32.40
N MET D 1 30.84 24.76 11.95
CA MET D 1 30.02 25.82 12.62
C MET D 1 30.41 26.00 14.09
N GLY D 2 29.67 26.84 14.81
CA GLY D 2 29.96 27.16 16.22
C GLY D 2 29.54 26.08 17.21
N ASP D 3 29.24 26.49 18.45
CA ASP D 3 28.92 25.55 19.52
C ASP D 3 27.53 25.75 20.15
N THR D 4 26.72 26.65 19.61
CA THR D 4 25.43 26.99 20.21
C THR D 4 24.37 27.27 19.14
N LEU D 5 23.20 26.62 19.28
CA LEU D 5 22.05 26.86 18.41
C LEU D 5 20.95 27.58 19.18
N THR D 6 20.75 28.85 18.87
CA THR D 6 19.68 29.64 19.50
C THR D 6 18.34 29.37 18.84
N ALA D 7 17.27 29.81 19.50
CA ALA D 7 15.89 29.56 19.03
C ALA D 7 15.66 30.13 17.65
N GLY D 8 15.41 29.26 16.68
CA GLY D 8 15.26 29.65 15.28
C GLY D 8 16.36 29.09 14.39
N GLN D 9 17.49 28.74 14.99
CA GLN D 9 18.60 28.16 14.24
C GLN D 9 18.43 26.67 14.08
N LYS D 10 19.09 26.10 13.06
CA LYS D 10 18.95 24.69 12.74
C LYS D 10 20.19 24.13 12.05
N LEU D 11 20.49 22.86 12.32
CA LEU D 11 21.54 22.12 11.63
C LEU D 11 20.96 21.41 10.42
N GLU D 12 21.64 21.50 9.29
CA GLU D 12 21.22 20.80 8.07
C GLU D 12 22.16 19.63 7.78
N ARG D 13 21.87 18.87 6.74
CA ARG D 13 22.71 17.72 6.36
C ARG D 13 24.14 18.18 6.05
N GLY D 14 25.10 17.57 6.74
CA GLY D 14 26.51 17.95 6.60
C GLY D 14 26.96 18.83 7.75
N GLY D 15 26.18 19.86 8.05
CA GLY D 15 26.48 20.79 9.13
C GLY D 15 26.65 20.13 10.49
N SER D 16 27.39 20.79 11.38
CA SER D 16 27.72 20.22 12.69
C SER D 16 28.06 21.29 13.72
N LEU D 17 28.29 20.85 14.95
CA LEU D 17 28.73 21.72 16.04
C LEU D 17 30.13 21.34 16.49
N GLN D 18 30.83 22.29 17.10
CA GLN D 18 32.20 22.12 17.60
C GLN D 18 32.24 22.70 19.00
N SER D 19 32.81 21.98 19.95
CA SER D 19 32.95 22.48 21.34
C SER D 19 34.00 23.58 21.43
N GLY D 20 34.08 24.22 22.59
CA GLY D 20 35.04 25.30 22.83
C GLY D 20 36.48 24.86 22.70
N ASN D 21 36.80 23.71 23.28
CA ASN D 21 38.15 23.14 23.20
C ASN D 21 38.42 22.41 21.88
N GLY D 22 37.36 22.11 21.14
CA GLY D 22 37.48 21.47 19.83
C GLY D 22 37.63 19.96 19.92
N ALA D 23 37.32 19.39 21.08
CA ALA D 23 37.47 17.97 21.32
C ALA D 23 36.25 17.15 20.91
N TYR D 24 35.11 17.83 20.72
CA TYR D 24 33.85 17.14 20.43
C TYR D 24 33.14 17.74 19.22
N THR D 25 32.46 16.88 18.47
CA THR D 25 31.77 17.27 17.24
C THR D 25 30.41 16.60 17.13
N LEU D 26 29.35 17.38 17.34
CA LEU D 26 27.98 16.92 17.12
C LEU D 26 27.59 17.19 15.68
N THR D 27 27.37 16.13 14.89
CA THR D 27 27.20 16.26 13.44
C THR D 27 25.99 15.52 12.87
N LEU D 28 25.24 16.20 12.01
CA LEU D 28 24.13 15.61 11.27
C LEU D 28 24.68 15.03 9.97
N GLN D 29 24.36 13.77 9.69
CA GLN D 29 25.04 13.02 8.63
C GLN D 29 24.19 12.81 7.38
N ASP D 30 24.83 12.22 6.36
CA ASP D 30 24.17 11.89 5.10
C ASP D 30 23.13 10.78 5.27
N ASP D 31 23.54 9.70 5.95
CA ASP D 31 22.61 8.60 6.27
C ASP D 31 21.43 9.07 7.11
N GLY D 32 21.62 10.13 7.89
CA GLY D 32 20.54 10.80 8.61
C GLY D 32 20.60 10.69 10.12
N ASN D 33 21.74 10.25 10.67
CA ASN D 33 21.90 10.08 12.10
C ASN D 33 22.68 11.24 12.72
N LEU D 34 22.10 11.87 13.73
CA LEU D 34 22.78 12.94 14.48
C LEU D 34 23.70 12.30 15.51
N VAL D 35 24.98 12.20 15.18
CA VAL D 35 25.98 11.54 16.02
C VAL D 35 26.92 12.55 16.68
N LEU D 36 27.41 12.20 17.87
CA LEU D 36 28.38 13.01 18.59
C LEU D 36 29.69 12.23 18.65
N TYR D 37 30.77 12.85 18.17
CA TYR D 37 32.08 12.19 18.06
C TYR D 37 33.12 12.81 18.97
N ALA D 38 33.80 11.96 19.74
CA ALA D 38 34.90 12.38 20.61
C ALA D 38 36.22 11.83 20.08
N ARG D 39 36.79 12.55 19.11
CA ARG D 39 38.04 12.15 18.48
C ARG D 39 37.88 10.85 17.70
N ASP D 40 37.07 10.89 16.65
CA ASP D 40 36.86 9.73 15.80
C ASP D 40 35.79 8.78 16.31
N LYS D 41 35.91 8.37 17.58
CA LYS D 41 34.97 7.43 18.19
C LYS D 41 33.63 8.09 18.50
N ALA D 42 32.55 7.37 18.22
CA ALA D 42 31.19 7.83 18.51
C ALA D 42 30.81 7.55 19.96
N VAL D 43 30.07 8.46 20.57
CA VAL D 43 29.65 8.32 21.97
C VAL D 43 28.14 8.35 22.20
N TRP D 44 27.41 9.05 21.32
CA TRP D 44 25.94 9.11 21.40
C TRP D 44 25.36 9.50 20.05
N SER D 45 24.14 9.03 19.78
CA SER D 45 23.43 9.39 18.55
C SER D 45 21.92 9.22 18.73
N THR D 46 21.17 9.92 17.88
CA THR D 46 19.70 9.86 17.93
C THR D 46 19.14 8.57 17.36
N GLY D 47 19.97 7.81 16.63
CA GLY D 47 19.55 6.53 16.07
C GLY D 47 18.53 6.69 14.95
N THR D 48 18.65 7.78 14.21
CA THR D 48 17.80 8.03 13.06
C THR D 48 18.54 7.73 11.75
N ASN D 49 19.51 6.82 11.82
CA ASN D 49 20.17 6.31 10.62
C ASN D 49 19.19 5.54 9.75
N GLY D 50 19.35 5.65 8.44
CA GLY D 50 18.44 5.03 7.49
C GLY D 50 17.26 5.91 7.08
N GLN D 51 17.04 6.99 7.82
CA GLN D 51 15.95 7.92 7.54
C GLN D 51 16.45 9.13 6.75
N ASP D 52 15.53 9.72 5.99
CA ASP D 52 15.84 10.90 5.17
C ASP D 52 15.61 12.17 5.97
N VAL D 53 16.48 12.40 6.96
CA VAL D 53 16.35 13.53 7.88
C VAL D 53 17.06 14.75 7.28
N VAL D 54 16.31 15.84 7.10
CA VAL D 54 16.83 17.04 6.43
C VAL D 54 17.41 18.08 7.39
N ARG D 55 16.82 18.20 8.59
CA ARG D 55 17.29 19.22 9.53
C ARG D 55 17.15 18.83 11.00
N ALA D 56 17.84 19.58 11.85
CA ALA D 56 17.72 19.47 13.30
C ALA D 56 17.60 20.89 13.86
N GLU D 57 16.39 21.29 14.23
CA GLU D 57 16.10 22.68 14.59
C GLU D 57 15.78 22.88 16.06
N VAL D 58 16.44 23.85 16.69
CA VAL D 58 16.04 24.32 18.00
C VAL D 58 14.92 25.33 17.74
N GLN D 59 13.67 24.87 17.83
CA GLN D 59 12.53 25.68 17.40
C GLN D 59 12.15 26.75 18.41
N THR D 60 11.59 27.84 17.89
CA THR D 60 11.07 28.95 18.70
C THR D 60 10.11 28.48 19.79
N ASP D 61 9.33 27.44 19.51
CA ASP D 61 8.40 26.87 20.49
C ASP D 61 9.07 26.34 21.76
N GLY D 62 10.38 26.04 21.68
CA GLY D 62 11.13 25.57 22.84
C GLY D 62 11.49 24.10 22.79
N ASN D 63 11.42 23.50 21.60
CA ASN D 63 11.67 22.07 21.44
C ASN D 63 12.72 21.81 20.35
N PHE D 64 13.71 21.00 20.70
CA PHE D 64 14.70 20.54 19.73
C PHE D 64 14.17 19.29 19.03
N VAL D 65 14.12 19.32 17.69
CA VAL D 65 13.46 18.29 16.90
C VAL D 65 14.22 17.95 15.61
N LEU D 66 14.10 16.70 15.16
CA LEU D 66 14.60 16.28 13.85
C LEU D 66 13.43 15.98 12.92
N TYR D 67 13.48 16.51 11.69
CA TYR D 67 12.43 16.30 10.71
C TYR D 67 12.95 15.55 9.49
N THR D 68 12.08 14.75 8.87
CA THR D 68 12.40 14.08 7.61
C THR D 68 11.82 14.85 6.45
N ALA D 69 12.53 14.85 5.33
CA ALA D 69 12.12 15.60 4.13
C ALA D 69 10.73 15.20 3.66
N GLU D 70 10.06 16.12 2.97
CA GLU D 70 8.73 15.86 2.43
C GLU D 70 8.82 14.72 1.41
N LYS D 71 8.11 13.64 1.69
CA LYS D 71 8.16 12.43 0.86
C LYS D 71 7.07 12.44 -0.20
N PRO D 72 7.45 12.31 -1.49
CA PRO D 72 6.42 12.21 -2.52
C PRO D 72 5.70 10.86 -2.45
N VAL D 73 4.38 10.88 -2.61
CA VAL D 73 3.57 9.65 -2.56
C VAL D 73 2.84 9.35 -3.86
N TRP D 74 2.66 10.35 -4.71
CA TRP D 74 1.97 10.18 -5.97
C TRP D 74 2.47 11.26 -6.92
N HIS D 75 2.83 10.86 -8.13
CA HIS D 75 3.29 11.81 -9.13
C HIS D 75 2.87 11.40 -10.53
N THR D 76 2.63 12.41 -11.37
CA THR D 76 2.18 12.19 -12.74
C THR D 76 3.29 11.69 -13.65
N ASP D 77 4.55 11.83 -13.21
CA ASP D 77 5.70 11.26 -13.92
C ASP D 77 5.91 11.93 -15.28
N THR D 78 6.10 13.25 -15.25
CA THR D 78 6.31 14.04 -16.47
C THR D 78 7.47 15.03 -16.32
N LYS D 79 8.46 14.67 -15.49
CA LYS D 79 9.61 15.54 -15.23
C LYS D 79 10.39 15.78 -16.52
N GLY D 80 10.53 17.06 -16.88
CA GLY D 80 11.18 17.45 -18.13
C GLY D 80 10.26 18.12 -19.15
N LYS D 81 9.00 18.35 -18.76
CA LYS D 81 8.05 19.07 -19.61
C LYS D 81 8.06 20.57 -19.29
N LYS D 82 7.91 21.39 -20.33
CA LYS D 82 8.04 22.84 -20.22
C LYS D 82 6.67 23.52 -20.14
N GLU D 83 6.56 24.51 -19.25
CA GLU D 83 5.37 25.37 -19.14
C GLU D 83 4.07 24.59 -18.96
N VAL D 84 4.01 23.83 -17.87
CA VAL D 84 2.88 22.95 -17.60
C VAL D 84 1.73 23.68 -16.88
N LYS D 85 0.52 23.15 -17.02
CA LYS D 85 -0.64 23.66 -16.30
C LYS D 85 -1.73 22.59 -16.17
N LEU D 86 -2.11 22.26 -14.94
CA LEU D 86 -3.18 21.29 -14.67
C LEU D 86 -4.52 21.93 -14.97
N VAL D 87 -5.41 21.17 -15.62
CA VAL D 87 -6.75 21.68 -15.98
C VAL D 87 -7.84 20.62 -15.74
N LEU D 88 -8.88 21.02 -15.02
CA LEU D 88 -10.08 20.20 -14.85
C LEU D 88 -11.16 20.72 -15.80
N GLN D 89 -11.55 19.87 -16.75
CA GLN D 89 -12.39 20.31 -17.87
C GLN D 89 -13.86 19.91 -17.73
N ASP D 90 -14.69 20.46 -18.61
CA ASP D 90 -16.14 20.21 -18.62
C ASP D 90 -16.50 18.83 -19.21
N ASP D 91 -15.57 18.20 -19.93
CA ASP D 91 -15.75 16.82 -20.38
C ASP D 91 -15.26 15.82 -19.32
N ARG D 92 -15.01 16.32 -18.11
CA ARG D 92 -14.59 15.51 -16.96
C ARG D 92 -13.12 15.08 -16.99
N ASN D 93 -12.45 15.25 -18.13
CA ASN D 93 -11.08 14.78 -18.29
C ASN D 93 -10.10 15.76 -17.64
N LEU D 94 -9.32 15.25 -16.68
CA LEU D 94 -8.27 16.02 -16.01
C LEU D 94 -6.96 15.89 -16.78
N VAL D 95 -6.50 17.01 -17.37
CA VAL D 95 -5.34 17.00 -18.25
C VAL D 95 -4.25 17.95 -17.76
N LEU D 96 -3.00 17.53 -17.96
CA LEU D 96 -1.84 18.36 -17.68
C LEU D 96 -1.26 18.86 -19.00
N TYR D 97 -1.75 20.00 -19.47
CA TYR D 97 -1.28 20.60 -20.72
C TYR D 97 0.13 21.18 -20.59
N ALA D 98 0.92 21.03 -21.64
CA ALA D 98 2.31 21.50 -21.67
C ALA D 98 2.53 22.44 -22.87
N LYS D 99 3.80 22.74 -23.16
CA LYS D 99 4.16 23.58 -24.30
C LYS D 99 3.81 22.89 -25.61
N ASP D 100 4.22 21.62 -25.75
CA ASP D 100 3.99 20.85 -26.97
C ASP D 100 2.57 20.29 -27.12
N GLY D 101 1.79 20.30 -26.03
CA GLY D 101 0.44 19.72 -26.02
C GLY D 101 0.20 18.91 -24.75
N PRO D 102 -0.79 18.00 -24.78
CA PRO D 102 -1.09 17.17 -23.60
C PRO D 102 0.05 16.21 -23.23
N ALA D 103 0.48 16.27 -21.97
CA ALA D 103 1.55 15.39 -21.46
C ALA D 103 0.97 14.21 -20.68
N TRP D 104 -0.06 14.48 -19.88
CA TRP D 104 -0.73 13.45 -19.09
C TRP D 104 -2.23 13.71 -19.05
N SER D 105 -3.01 12.66 -19.22
CA SER D 105 -4.47 12.75 -19.25
C SER D 105 -5.11 11.66 -18.39
N LEU D 106 -6.42 11.78 -18.19
CA LEU D 106 -7.18 10.86 -17.36
C LEU D 106 -8.26 10.17 -18.19
N GLY E 2 5.95 -17.36 -8.18
CA GLY E 2 7.16 -17.68 -9.00
C GLY E 2 7.15 -16.95 -10.33
N ASP E 3 8.31 -16.93 -11.00
CA ASP E 3 8.46 -16.27 -12.29
C ASP E 3 8.76 -17.24 -13.44
N THR E 4 8.74 -18.54 -13.16
CA THR E 4 9.06 -19.56 -14.16
C THR E 4 8.01 -20.67 -14.20
N LEU E 5 7.76 -21.21 -15.39
CA LEU E 5 6.88 -22.37 -15.58
C LEU E 5 7.61 -23.47 -16.35
N THR E 6 8.09 -24.46 -15.62
CA THR E 6 8.80 -25.59 -16.22
C THR E 6 7.82 -26.50 -16.99
N ALA E 7 8.38 -27.32 -17.88
CA ALA E 7 7.59 -28.22 -18.72
C ALA E 7 6.73 -29.16 -17.88
N GLY E 8 5.40 -29.02 -18.01
CA GLY E 8 4.45 -29.79 -17.21
C GLY E 8 3.60 -28.91 -16.31
N GLN E 9 4.14 -27.75 -15.92
CA GLN E 9 3.43 -26.81 -15.07
C GLN E 9 2.43 -25.97 -15.86
N LYS E 10 1.52 -25.32 -15.14
CA LYS E 10 0.44 -24.56 -15.77
C LYS E 10 -0.17 -23.51 -14.83
N LEU E 11 -0.87 -22.55 -15.42
CA LEU E 11 -1.63 -21.54 -14.68
C LEU E 11 -3.11 -21.76 -14.95
N GLU E 12 -3.89 -21.94 -13.89
CA GLU E 12 -5.33 -22.09 -14.00
C GLU E 12 -6.00 -20.74 -13.76
N ARG E 13 -7.30 -20.66 -14.01
CA ARG E 13 -8.04 -19.40 -13.88
C ARG E 13 -7.87 -18.82 -12.48
N GLY E 14 -7.17 -17.69 -12.40
CA GLY E 14 -6.88 -17.05 -11.11
C GLY E 14 -5.40 -17.04 -10.79
N GLY E 15 -4.68 -18.08 -11.23
CA GLY E 15 -3.23 -18.17 -11.03
C GLY E 15 -2.47 -17.15 -11.87
N SER E 16 -1.27 -16.81 -11.42
CA SER E 16 -0.46 -15.79 -12.09
C SER E 16 1.04 -15.95 -11.86
N LEU E 17 1.82 -15.28 -12.69
CA LEU E 17 3.28 -15.25 -12.58
C LEU E 17 3.75 -13.86 -12.18
N GLN E 18 4.64 -13.80 -11.20
CA GLN E 18 5.19 -12.53 -10.71
C GLN E 18 6.68 -12.47 -11.01
N SER E 19 7.14 -11.33 -11.52
CA SER E 19 8.56 -11.11 -11.83
C SER E 19 9.37 -10.89 -10.55
N GLY E 20 10.70 -10.88 -10.70
CA GLY E 20 11.62 -10.74 -9.57
C GLY E 20 11.56 -9.39 -8.88
N ASN E 21 11.49 -8.32 -9.67
CA ASN E 21 11.36 -6.96 -9.14
C ASN E 21 9.96 -6.65 -8.61
N GLY E 22 8.98 -7.45 -9.03
CA GLY E 22 7.59 -7.30 -8.58
C GLY E 22 6.83 -6.24 -9.34
N ALA E 23 7.29 -5.93 -10.56
CA ALA E 23 6.70 -4.88 -11.38
C ALA E 23 5.68 -5.43 -12.38
N TYR E 24 5.97 -6.60 -12.94
CA TYR E 24 5.15 -7.17 -14.02
C TYR E 24 4.51 -8.50 -13.61
N THR E 25 3.26 -8.68 -13.99
CA THR E 25 2.48 -9.86 -13.63
C THR E 25 1.77 -10.43 -14.86
N LEU E 26 1.91 -11.74 -15.07
CA LEU E 26 1.19 -12.45 -16.12
C LEU E 26 0.14 -13.34 -15.47
N THR E 27 -1.13 -13.12 -15.80
CA THR E 27 -2.23 -13.84 -15.14
C THR E 27 -3.30 -14.33 -16.12
N LEU E 28 -3.85 -15.50 -15.82
CA LEU E 28 -4.99 -16.04 -16.57
C LEU E 28 -6.27 -15.73 -15.82
N GLN E 29 -7.14 -14.93 -16.43
CA GLN E 29 -8.30 -14.36 -15.75
C GLN E 29 -9.51 -15.27 -15.87
N ASP E 30 -10.57 -14.95 -15.11
CA ASP E 30 -11.83 -15.68 -15.20
C ASP E 30 -12.52 -15.53 -16.57
N ASP E 31 -12.24 -14.43 -17.27
CA ASP E 31 -12.76 -14.25 -18.63
C ASP E 31 -11.99 -15.05 -19.68
N GLY E 32 -10.87 -15.64 -19.28
CA GLY E 32 -10.11 -16.53 -20.15
C GLY E 32 -9.00 -15.85 -20.94
N ASN E 33 -8.68 -14.61 -20.60
CA ASN E 33 -7.61 -13.88 -21.25
C ASN E 33 -6.32 -14.01 -20.44
N LEU E 34 -5.20 -14.29 -21.12
CA LEU E 34 -3.88 -14.35 -20.48
C LEU E 34 -3.18 -13.01 -20.65
N VAL E 35 -3.24 -12.18 -19.60
CA VAL E 35 -2.85 -10.78 -19.69
C VAL E 35 -1.59 -10.47 -18.89
N LEU E 36 -0.68 -9.73 -19.51
CA LEU E 36 0.51 -9.21 -18.84
C LEU E 36 0.20 -7.79 -18.37
N TYR E 37 0.29 -7.58 -17.07
CA TYR E 37 0.02 -6.27 -16.46
C TYR E 37 1.31 -5.62 -15.97
N ALA E 38 1.28 -4.31 -15.81
CA ALA E 38 2.43 -3.54 -15.36
C ALA E 38 2.07 -2.60 -14.20
N ARG E 39 1.20 -3.07 -13.31
CA ARG E 39 0.79 -2.29 -12.14
C ARG E 39 0.43 -0.85 -12.47
N ASP E 40 -0.41 -0.68 -13.50
CA ASP E 40 -0.76 0.64 -14.02
C ASP E 40 -1.52 0.57 -15.33
N LYS E 41 -1.05 -0.30 -16.23
CA LYS E 41 -1.70 -0.55 -17.51
C LYS E 41 -1.34 -1.93 -18.04
N ALA E 42 -2.28 -2.54 -18.77
CA ALA E 42 -2.03 -3.82 -19.42
C ALA E 42 -1.19 -3.60 -20.66
N VAL E 43 -0.13 -4.40 -20.82
CA VAL E 43 0.81 -4.24 -21.92
C VAL E 43 0.56 -5.22 -23.09
N TRP E 44 0.21 -6.47 -22.76
CA TRP E 44 -0.02 -7.48 -23.79
C TRP E 44 -0.94 -8.59 -23.28
N SER E 45 -1.75 -9.13 -24.19
CA SER E 45 -2.64 -10.25 -23.89
C SER E 45 -2.75 -11.20 -25.08
N THR E 46 -3.17 -12.43 -24.82
CA THR E 46 -3.37 -13.43 -25.86
C THR E 46 -4.58 -13.14 -26.73
N GLY E 47 -5.50 -12.30 -26.22
CA GLY E 47 -6.72 -11.98 -26.94
C GLY E 47 -7.70 -13.13 -26.91
N THR E 48 -7.67 -13.90 -25.82
CA THR E 48 -8.57 -15.04 -25.64
C THR E 48 -9.69 -14.70 -24.64
N ASN E 49 -9.94 -13.40 -24.46
CA ASN E 49 -11.05 -12.95 -23.63
C ASN E 49 -12.39 -13.39 -24.20
N GLY E 50 -13.33 -13.71 -23.31
CA GLY E 50 -14.64 -14.23 -23.71
C GLY E 50 -14.66 -15.75 -23.70
N GLN E 51 -13.69 -16.37 -24.35
CA GLN E 51 -13.59 -17.83 -24.40
C GLN E 51 -13.45 -18.46 -23.02
N ASP E 52 -13.88 -19.71 -22.92
CA ASP E 52 -13.77 -20.48 -21.70
C ASP E 52 -12.41 -21.18 -21.71
N VAL E 53 -11.39 -20.50 -21.19
CA VAL E 53 -10.06 -21.07 -21.08
C VAL E 53 -9.86 -21.53 -19.63
N VAL E 54 -9.41 -22.77 -19.46
CA VAL E 54 -9.25 -23.36 -18.13
C VAL E 54 -7.80 -23.42 -17.65
N ARG E 55 -6.86 -23.61 -18.57
CA ARG E 55 -5.45 -23.70 -18.20
C ARG E 55 -4.52 -23.18 -19.30
N ALA E 56 -3.34 -22.75 -18.89
CA ALA E 56 -2.27 -22.33 -19.80
C ALA E 56 -1.02 -23.12 -19.46
N GLU E 57 -0.83 -24.24 -20.17
CA GLU E 57 0.18 -25.23 -19.80
C GLU E 57 1.42 -25.15 -20.67
N VAL E 58 2.58 -25.33 -20.05
CA VAL E 58 3.84 -25.49 -20.76
C VAL E 58 4.04 -26.99 -21.00
N GLN E 59 3.61 -27.45 -22.19
CA GLN E 59 3.69 -28.86 -22.51
C GLN E 59 5.12 -29.31 -22.73
N THR E 60 5.37 -30.59 -22.46
CA THR E 60 6.69 -31.19 -22.63
C THR E 60 7.06 -31.36 -24.10
N ASP E 61 6.06 -31.35 -24.99
CA ASP E 61 6.28 -31.44 -26.44
C ASP E 61 7.01 -30.23 -27.06
N GLY E 62 7.14 -29.15 -26.28
CA GLY E 62 7.83 -27.94 -26.73
C GLY E 62 6.91 -26.75 -26.79
N ASN E 63 5.60 -27.01 -26.84
CA ASN E 63 4.59 -25.98 -27.04
C ASN E 63 3.97 -25.46 -25.75
N PHE E 64 3.71 -24.16 -25.72
CA PHE E 64 2.92 -23.52 -24.65
C PHE E 64 1.55 -23.17 -25.24
N VAL E 65 0.50 -23.72 -24.63
CA VAL E 65 -0.85 -23.65 -25.22
C VAL E 65 -1.93 -23.33 -24.17
N LEU E 66 -2.96 -22.62 -24.61
CA LEU E 66 -4.17 -22.38 -23.83
C LEU E 66 -5.28 -23.30 -24.32
N TYR E 67 -5.99 -23.94 -23.38
CA TYR E 67 -7.04 -24.91 -23.72
C TYR E 67 -8.39 -24.49 -23.17
N THR E 68 -9.43 -24.69 -23.98
CA THR E 68 -10.80 -24.50 -23.51
C THR E 68 -11.27 -25.73 -22.74
N ALA E 69 -12.24 -25.53 -21.85
CA ALA E 69 -12.75 -26.61 -21.03
C ALA E 69 -13.49 -27.67 -21.86
N GLU E 70 -13.79 -28.80 -21.23
CA GLU E 70 -14.55 -29.87 -21.87
C GLU E 70 -16.03 -29.53 -21.85
N LYS E 71 -16.64 -29.44 -23.03
CA LYS E 71 -18.05 -29.03 -23.15
C LYS E 71 -19.00 -30.24 -23.13
N PRO E 72 -20.05 -30.20 -22.28
CA PRO E 72 -21.02 -31.29 -22.24
C PRO E 72 -22.05 -31.19 -23.36
N VAL E 73 -22.12 -32.24 -24.18
CA VAL E 73 -22.99 -32.23 -25.37
C VAL E 73 -24.27 -33.05 -25.16
N TRP E 74 -24.13 -34.24 -24.57
CA TRP E 74 -25.28 -35.11 -24.27
C TRP E 74 -25.23 -35.54 -22.82
N HIS E 75 -26.39 -35.46 -22.17
CA HIS E 75 -26.51 -35.87 -20.77
C HIS E 75 -27.91 -36.42 -20.53
N THR E 76 -28.01 -37.32 -19.56
CA THR E 76 -29.30 -37.91 -19.20
C THR E 76 -30.12 -37.00 -18.28
N ASP E 77 -29.50 -35.92 -17.79
CA ASP E 77 -30.19 -34.92 -16.98
C ASP E 77 -30.74 -35.56 -15.71
N THR E 78 -29.83 -35.98 -14.84
CA THR E 78 -30.20 -36.63 -13.59
C THR E 78 -29.37 -36.13 -12.40
N LYS E 79 -28.94 -34.86 -12.46
CA LYS E 79 -28.17 -34.26 -11.37
C LYS E 79 -29.06 -34.02 -10.15
N GLY E 80 -28.60 -34.52 -9.00
CA GLY E 80 -29.39 -34.49 -7.77
C GLY E 80 -29.51 -35.87 -7.14
N LYS E 81 -29.45 -36.90 -7.98
CA LYS E 81 -29.55 -38.30 -7.51
C LYS E 81 -28.24 -38.75 -6.86
N LYS E 82 -28.35 -39.70 -5.94
CA LYS E 82 -27.20 -40.18 -5.16
C LYS E 82 -26.94 -41.66 -5.43
N GLU E 83 -25.68 -42.07 -5.25
CA GLU E 83 -25.27 -43.47 -5.41
C GLU E 83 -25.75 -44.05 -6.74
N VAL E 84 -25.28 -43.47 -7.84
CA VAL E 84 -25.77 -43.83 -9.18
C VAL E 84 -24.90 -44.89 -9.86
N LYS E 85 -25.56 -45.84 -10.52
CA LYS E 85 -24.88 -46.85 -11.33
C LYS E 85 -25.63 -47.08 -12.65
N LEU E 86 -24.87 -47.32 -13.72
CA LEU E 86 -25.43 -47.57 -15.04
C LEU E 86 -25.26 -49.04 -15.39
N VAL E 87 -26.35 -49.71 -15.76
CA VAL E 87 -26.32 -51.14 -16.02
C VAL E 87 -26.87 -51.48 -17.41
N LEU E 88 -26.10 -52.28 -18.15
CA LEU E 88 -26.56 -52.88 -19.40
C LEU E 88 -27.02 -54.29 -19.10
N GLN E 89 -28.34 -54.51 -19.11
CA GLN E 89 -28.94 -55.76 -18.65
C GLN E 89 -29.20 -56.74 -19.78
N ASP E 90 -29.54 -57.98 -19.41
CA ASP E 90 -29.77 -59.04 -20.39
C ASP E 90 -31.09 -58.89 -21.17
N ASP E 91 -31.96 -57.98 -20.72
CA ASP E 91 -33.20 -57.66 -21.45
C ASP E 91 -33.04 -56.45 -22.37
N ARG E 92 -31.80 -56.11 -22.73
CA ARG E 92 -31.50 -55.02 -23.67
C ARG E 92 -31.68 -53.61 -23.10
N ASN E 93 -32.30 -53.48 -21.93
CA ASN E 93 -32.59 -52.16 -21.37
C ASN E 93 -31.39 -51.56 -20.64
N LEU E 94 -31.09 -50.31 -20.96
CA LEU E 94 -30.02 -49.56 -20.32
C LEU E 94 -30.62 -48.65 -19.25
N VAL E 95 -30.37 -48.98 -17.99
CA VAL E 95 -31.02 -48.28 -16.87
C VAL E 95 -29.99 -47.64 -15.95
N LEU E 96 -30.35 -46.48 -15.41
CA LEU E 96 -29.52 -45.77 -14.45
C LEU E 96 -30.21 -45.77 -13.08
N TYR E 97 -29.83 -46.74 -12.24
CA TYR E 97 -30.39 -46.87 -10.89
C TYR E 97 -29.80 -45.82 -9.96
N ALA E 98 -30.51 -45.59 -8.85
CA ALA E 98 -30.10 -44.57 -7.87
C ALA E 98 -30.45 -45.02 -6.45
N LYS E 99 -30.22 -44.13 -5.49
CA LYS E 99 -30.45 -44.41 -4.06
C LYS E 99 -31.92 -44.70 -3.74
N ASP E 100 -32.83 -44.05 -4.47
CA ASP E 100 -34.27 -44.26 -4.30
C ASP E 100 -34.82 -45.34 -5.23
N GLY E 101 -34.29 -45.42 -6.45
CA GLY E 101 -34.76 -46.38 -7.46
C GLY E 101 -34.32 -45.97 -8.86
N PRO E 102 -34.94 -46.56 -9.90
CA PRO E 102 -34.64 -46.21 -11.29
C PRO E 102 -34.83 -44.72 -11.59
N ALA E 103 -33.75 -44.05 -12.01
CA ALA E 103 -33.77 -42.62 -12.31
C ALA E 103 -33.99 -42.36 -13.80
N TRP E 104 -33.34 -43.17 -14.64
CA TRP E 104 -33.47 -43.05 -16.09
C TRP E 104 -33.46 -44.43 -16.73
N SER E 105 -34.22 -44.60 -17.81
CA SER E 105 -34.33 -45.88 -18.49
C SER E 105 -34.54 -45.70 -19.99
N LEU E 106 -34.41 -46.81 -20.73
CA LEU E 106 -34.53 -46.81 -22.18
C LEU E 106 -35.47 -47.92 -22.65
C1 MMA F . 7.93 9.86 17.81
C2 MMA F . 6.86 9.30 18.74
C3 MMA F . 7.41 9.12 20.15
C4 MMA F . 8.67 8.26 20.09
C5 MMA F . 9.67 8.82 19.08
C6 MMA F . 10.87 7.88 18.91
C7 MMA F . 8.52 12.10 17.22
O1 MMA F . 8.30 11.17 18.27
O2 MMA F . 6.42 8.04 18.24
O3 MMA F . 6.41 8.51 20.98
O4 MMA F . 9.28 8.23 21.38
O5 MMA F . 9.06 8.99 17.80
O6 MMA F . 11.96 8.60 18.34
C1 MMA G . 10.68 -9.09 -0.34
C2 MMA G . 10.61 -10.33 0.55
C3 MMA G . 9.16 -10.72 0.86
C4 MMA G . 8.40 -9.51 1.40
C5 MMA G . 8.52 -8.34 0.43
C6 MMA G . 7.77 -7.10 0.93
C7 MMA G . 10.17 -8.31 -2.54
O1 MMA G . 10.22 -9.43 -1.66
O2 MMA G . 11.30 -10.11 1.78
O3 MMA G . 9.15 -11.79 1.79
O4 MMA G . 7.02 -9.85 1.61
O5 MMA G . 9.89 -8.02 0.21
O6 MMA G . 8.67 -6.02 1.17
C1 MMA H . -32.61 0.10 -13.54
C2 MMA H . -32.79 -1.41 -13.35
C3 MMA H . -33.10 -1.77 -11.90
C4 MMA H . -32.10 -1.09 -10.97
C5 MMA H . -32.19 0.40 -11.20
C6 MMA H . -31.31 1.22 -10.24
C7 MMA H . -33.76 2.15 -13.91
O1 MMA H . -33.88 0.76 -13.54
O2 MMA H . -31.60 -2.08 -13.77
O3 MMA H . -33.04 -3.19 -11.73
O4 MMA H . -32.36 -1.43 -9.61
O5 MMA H . -31.76 0.66 -12.52
O6 MMA H . -32.11 2.10 -9.46
C1 MMA I . -11.61 7.08 0.08
C2 MMA I . -11.75 8.42 0.81
C3 MMA I . -13.06 9.09 0.43
C4 MMA I . -13.14 9.24 -1.08
C5 MMA I . -13.04 7.84 -1.71
C6 MMA I . -13.17 7.91 -3.23
C7 MMA I . -12.18 5.50 1.79
O1 MMA I . -12.58 6.16 0.59
O2 MMA I . -10.63 9.26 0.46
O3 MMA I . -13.15 10.37 1.07
O4 MMA I . -14.37 9.86 -1.46
O5 MMA I . -11.80 7.26 -1.33
O6 MMA I . -12.77 6.66 -3.83
C1 MMA J . 25.71 18.89 34.81
C2 MMA J . 26.92 19.19 33.93
C3 MMA J . 26.85 20.58 33.29
C4 MMA J . 25.47 20.92 32.73
C5 MMA J . 24.32 20.45 33.62
C6 MMA J . 22.99 20.55 32.88
C7 MMA J . 24.66 19.48 36.88
O1 MMA J . 25.73 19.73 35.97
O2 MMA J . 27.01 18.19 32.89
O3 MMA J . 27.81 20.66 32.23
O4 MMA J . 25.39 22.33 32.56
O5 MMA J . 24.52 19.11 34.05
O6 MMA J . 21.94 20.00 33.67
C1 MMA K . -9.59 -7.08 -22.49
C2 MMA K . -10.01 -7.88 -21.27
C3 MMA K . -9.29 -7.40 -20.03
C4 MMA K . -7.79 -7.37 -20.25
C5 MMA K . -7.42 -6.63 -21.53
C6 MMA K . -5.92 -6.77 -21.81
C7 MMA K . -9.68 -4.86 -23.43
O1 MMA K . -10.04 -5.73 -22.34
O2 MMA K . -9.69 -9.26 -21.47
O3 MMA K . -9.56 -8.26 -18.94
O4 MMA K . -7.17 -6.74 -19.12
O5 MMA K . -8.16 -7.14 -22.63
O6 MMA K . -5.57 -6.12 -23.02
#